data_1UBV
#
_entry.id   1UBV
#
_cell.length_a   88.100
_cell.length_b   88.100
_cell.length_c   275.900
_cell.angle_alpha   90.00
_cell.angle_beta   90.00
_cell.angle_gamma   90.00
#
_symmetry.space_group_name_H-M   'I 41 2 2'
#
loop_
_entity.id
_entity.type
_entity.pdbx_description
1 polymer 'FARNESYL DIPHOSPHATE SYNTHASE'
2 water water
#
_entity_poly.entity_id   1
_entity_poly.type   'polypeptide(L)'
_entity_poly.pdbx_seq_one_letter_code
;MHKFTGVNAKFQQPALRNLSPVVVEREREEFVGFFPQIVRDLTEDGIGHPEVGDAVARLKEVLQYNAPGGKCNRGLTVVA
AYRELSGPGQKDAESLRCALAVGWCIELFQAASLVADDIMDQSLTRRGQLCWYKKEGVGLDAINDSFLLESSVYRVLKKY
CRQRPYYVHLLELFLQTAYQTELGQMLDLITAPVSKVDLSHFSEERYKAIVKYKTAFYSFYLPVAAAMYMVGIDSKEEHE
NAKAILLEMGEYFQIQDDYLDCFGDPALTGAVGTDIQDNKCSWLVVQCLQRVTPEQRQLLEDNYGRKEPEKVAKVKELYE
AVGMRAAFQQYEESSYRRLQELIEKHSNRLPKEIFLGLAQKIYKRQK
;
_entity_poly.pdbx_strand_id   A
#
# COMPACT_ATOMS: atom_id res chain seq x y z
N SER A 20 -14.01 -17.09 -1.16
CA SER A 20 -15.47 -17.14 -1.08
C SER A 20 -16.11 -15.83 -0.59
N PRO A 21 -17.09 -15.35 -1.35
CA PRO A 21 -17.81 -14.14 -0.99
C PRO A 21 -18.23 -14.16 0.49
N VAL A 22 -19.05 -15.15 0.87
CA VAL A 22 -19.63 -15.32 2.22
C VAL A 22 -18.62 -15.15 3.35
N VAL A 23 -17.45 -15.75 3.14
CA VAL A 23 -16.39 -15.68 4.12
C VAL A 23 -15.57 -14.41 4.02
N VAL A 24 -15.04 -14.18 2.82
CA VAL A 24 -14.27 -13.00 2.51
C VAL A 24 -15.06 -11.78 3.02
N GLU A 25 -16.36 -11.75 2.71
CA GLU A 25 -17.15 -10.61 3.18
C GLU A 25 -17.23 -10.50 4.68
N ARG A 26 -17.61 -11.61 5.30
CA ARG A 26 -17.69 -11.68 6.76
C ARG A 26 -16.39 -11.06 7.34
N GLU A 27 -15.24 -11.53 6.88
CA GLU A 27 -14.04 -11.06 7.51
C GLU A 27 -14.03 -9.59 7.28
N ARG A 28 -14.30 -9.23 6.01
CA ARG A 28 -14.35 -7.82 5.57
C ARG A 28 -15.16 -6.99 6.55
N GLU A 29 -16.38 -7.41 6.77
CA GLU A 29 -17.18 -6.60 7.67
C GLU A 29 -16.85 -6.56 9.13
N GLU A 30 -16.10 -7.56 9.60
CA GLU A 30 -15.73 -7.69 11.00
C GLU A 30 -14.63 -6.64 11.24
N PHE A 31 -13.78 -6.48 10.21
CA PHE A 31 -12.70 -5.52 10.25
C PHE A 31 -13.24 -4.11 10.41
N VAL A 32 -14.01 -3.70 9.41
CA VAL A 32 -14.60 -2.36 9.36
C VAL A 32 -15.29 -2.06 10.64
N GLY A 33 -16.05 -3.03 11.12
CA GLY A 33 -16.89 -2.78 12.29
C GLY A 33 -16.10 -2.65 13.55
N PHE A 34 -14.78 -2.83 13.41
CA PHE A 34 -13.90 -2.72 14.58
C PHE A 34 -13.30 -1.28 14.77
N PHE A 35 -13.40 -0.46 13.74
CA PHE A 35 -12.82 0.87 13.78
C PHE A 35 -13.07 1.81 14.99
N PRO A 36 -14.31 1.92 15.37
CA PRO A 36 -14.63 2.80 16.50
C PRO A 36 -13.87 2.37 17.70
N GLN A 37 -13.69 1.06 17.77
CA GLN A 37 -13.02 0.47 18.89
C GLN A 37 -11.65 1.07 18.94
N ILE A 38 -10.95 1.01 17.80
CA ILE A 38 -9.58 1.52 17.76
C ILE A 38 -9.74 2.97 18.14
N VAL A 39 -10.81 3.54 17.61
CA VAL A 39 -11.04 4.93 17.89
C VAL A 39 -11.21 5.21 19.37
N ARG A 40 -12.03 4.45 20.09
CA ARG A 40 -12.21 4.68 21.53
C ARG A 40 -10.88 4.51 22.21
N ASP A 41 -10.15 3.48 21.81
CA ASP A 41 -8.82 3.13 22.33
C ASP A 41 -7.98 4.36 22.40
N LEU A 42 -7.67 4.84 21.21
CA LEU A 42 -6.83 6.00 21.01
C LEU A 42 -7.18 7.29 21.75
N THR A 43 -8.48 7.56 21.92
CA THR A 43 -8.94 8.84 22.45
C THR A 43 -9.76 8.93 23.68
N GLU A 44 -10.59 7.93 23.92
CA GLU A 44 -11.54 7.89 25.01
C GLU A 44 -11.07 8.53 26.26
N ASP A 45 -9.88 8.16 26.70
CA ASP A 45 -9.41 8.75 27.96
C ASP A 45 -8.74 10.09 27.73
N GLY A 46 -8.36 10.33 26.50
CA GLY A 46 -7.76 11.60 26.17
C GLY A 46 -8.81 12.69 26.09
N ILE A 47 -9.99 12.33 25.58
CA ILE A 47 -11.11 13.25 25.40
C ILE A 47 -11.47 14.24 26.49
N GLY A 48 -11.39 13.87 27.77
CA GLY A 48 -11.72 14.83 28.82
C GLY A 48 -10.55 15.41 29.65
N HIS A 49 -9.30 15.24 29.18
CA HIS A 49 -8.15 15.67 29.97
C HIS A 49 -8.15 17.15 30.14
N PRO A 50 -8.07 17.56 31.40
CA PRO A 50 -8.03 18.98 31.68
C PRO A 50 -6.89 19.70 30.88
N GLU A 51 -5.84 19.01 30.45
CA GLU A 51 -4.75 19.69 29.75
C GLU A 51 -4.72 19.56 28.26
N VAL A 52 -4.74 18.32 27.85
CA VAL A 52 -4.67 18.03 26.46
C VAL A 52 -5.96 17.61 25.80
N GLY A 53 -7.04 17.58 26.55
CA GLY A 53 -8.29 17.13 25.98
C GLY A 53 -8.62 17.71 24.63
N ASP A 54 -8.31 18.98 24.46
CA ASP A 54 -8.62 19.63 23.18
C ASP A 54 -7.86 18.94 22.05
N ALA A 55 -6.61 18.60 22.34
CA ALA A 55 -5.78 18.00 21.32
C ALA A 55 -6.31 16.64 20.90
N VAL A 56 -6.63 15.79 21.89
CA VAL A 56 -7.04 14.41 21.62
C VAL A 56 -8.35 14.41 20.90
N ALA A 57 -9.09 15.46 21.16
CA ALA A 57 -10.35 15.70 20.47
C ALA A 57 -10.16 16.01 18.96
N ARG A 58 -9.10 16.69 18.56
CA ARG A 58 -8.90 16.92 17.15
C ARG A 58 -8.33 15.67 16.56
N LEU A 59 -7.65 14.90 17.41
CA LEU A 59 -7.05 13.59 17.03
C LEU A 59 -8.12 12.64 16.53
N LYS A 60 -9.26 12.62 17.24
CA LYS A 60 -10.41 11.83 16.84
C LYS A 60 -10.82 12.18 15.38
N GLU A 61 -10.96 13.47 15.13
CA GLU A 61 -11.34 13.93 13.82
C GLU A 61 -10.36 13.45 12.75
N VAL A 62 -9.06 13.61 13.05
CA VAL A 62 -8.02 13.24 12.10
C VAL A 62 -8.14 11.78 11.79
N LEU A 63 -8.34 11.02 12.86
CA LEU A 63 -8.44 9.56 12.76
C LEU A 63 -9.64 9.30 11.86
N GLN A 64 -10.80 9.78 12.29
CA GLN A 64 -11.97 9.48 11.49
C GLN A 64 -11.94 10.01 10.12
N TYR A 65 -11.21 11.11 9.87
CA TYR A 65 -11.26 11.64 8.51
C TYR A 65 -10.44 10.78 7.61
N ASN A 66 -9.30 10.40 8.16
CA ASN A 66 -8.31 9.74 7.33
C ASN A 66 -8.15 8.23 7.21
N ALA A 67 -8.31 7.54 8.34
CA ALA A 67 -8.04 6.11 8.44
C ALA A 67 -8.97 5.20 7.70
N PRO A 68 -10.24 5.39 8.00
CA PRO A 68 -11.26 4.59 7.40
C PRO A 68 -11.54 5.01 5.98
N GLY A 69 -12.23 4.07 5.33
CA GLY A 69 -12.72 4.26 3.99
C GLY A 69 -11.96 3.71 2.80
N GLY A 70 -10.83 3.05 2.96
CA GLY A 70 -10.15 2.53 1.78
C GLY A 70 -10.80 1.16 1.56
N LYS A 71 -10.02 0.25 0.97
CA LYS A 71 -10.46 -1.15 0.76
C LYS A 71 -10.15 -2.17 1.91
N CYS A 72 -9.10 -1.87 2.67
CA CYS A 72 -8.73 -2.69 3.82
C CYS A 72 -7.95 -3.96 3.47
N ASN A 73 -7.69 -4.20 2.19
CA ASN A 73 -7.07 -5.45 1.80
C ASN A 73 -5.87 -5.72 2.65
N ARG A 74 -5.19 -4.63 2.97
CA ARG A 74 -3.91 -4.73 3.63
C ARG A 74 -4.10 -5.23 5.05
N GLY A 75 -4.80 -4.45 5.85
CA GLY A 75 -5.11 -4.92 7.20
C GLY A 75 -5.83 -6.27 7.16
N LEU A 76 -6.77 -6.47 6.24
CA LEU A 76 -7.46 -7.75 6.18
C LEU A 76 -6.51 -8.92 6.00
N THR A 77 -5.51 -8.74 5.14
CA THR A 77 -4.55 -9.79 4.92
C THR A 77 -4.00 -10.40 6.22
N VAL A 78 -3.96 -9.64 7.29
CA VAL A 78 -3.39 -10.18 8.51
C VAL A 78 -4.31 -11.21 9.11
N VAL A 79 -5.53 -10.76 9.27
CA VAL A 79 -6.55 -11.56 9.84
C VAL A 79 -6.61 -12.87 9.07
N ALA A 80 -6.57 -12.79 7.77
CA ALA A 80 -6.73 -14.00 7.01
C ALA A 80 -5.54 -14.83 7.36
N ALA A 81 -4.36 -14.25 7.17
CA ALA A 81 -3.16 -15.04 7.44
C ALA A 81 -3.08 -15.74 8.79
N TYR A 82 -3.38 -15.03 9.85
CA TYR A 82 -3.38 -15.65 11.14
C TYR A 82 -4.34 -16.83 11.14
N ARG A 83 -5.52 -16.61 10.59
CA ARG A 83 -6.49 -17.67 10.42
C ARG A 83 -5.89 -18.81 9.64
N GLU A 84 -4.85 -18.63 8.85
CA GLU A 84 -4.49 -19.81 8.11
C GLU A 84 -3.36 -20.47 8.88
N LEU A 85 -2.81 -19.70 9.81
CA LEU A 85 -1.62 -20.08 10.54
C LEU A 85 -1.85 -20.60 11.91
N SER A 86 -2.63 -19.89 12.72
CA SER A 86 -2.92 -20.28 14.10
C SER A 86 -3.36 -21.73 14.11
N GLY A 87 -3.30 -22.37 15.28
CA GLY A 87 -3.80 -23.73 15.40
C GLY A 87 -5.06 -23.58 16.27
N PRO A 88 -5.77 -24.69 16.46
CA PRO A 88 -7.00 -24.74 17.25
C PRO A 88 -6.80 -24.03 18.55
N GLY A 89 -5.58 -24.12 19.07
CA GLY A 89 -5.28 -23.49 20.34
C GLY A 89 -5.59 -21.99 20.35
N GLN A 90 -4.96 -21.28 19.41
CA GLN A 90 -4.99 -19.83 19.28
C GLN A 90 -6.10 -19.20 18.43
N LYS A 91 -7.34 -19.41 18.84
CA LYS A 91 -8.41 -18.84 18.06
C LYS A 91 -9.37 -18.30 19.07
N ASP A 92 -8.83 -17.95 20.22
CA ASP A 92 -9.69 -17.42 21.24
C ASP A 92 -10.15 -16.13 20.67
N ALA A 93 -11.15 -15.58 21.33
CA ALA A 93 -11.60 -14.33 20.84
C ALA A 93 -10.52 -13.31 21.02
N GLU A 94 -9.84 -13.35 22.16
CA GLU A 94 -8.82 -12.34 22.39
C GLU A 94 -7.85 -12.33 21.22
N SER A 95 -7.28 -13.49 20.90
CA SER A 95 -6.31 -13.61 19.80
C SER A 95 -6.82 -13.02 18.50
N LEU A 96 -8.08 -13.33 18.28
CA LEU A 96 -8.72 -12.85 17.10
C LEU A 96 -8.76 -11.34 17.10
N ARG A 97 -9.08 -10.68 18.22
CA ARG A 97 -9.04 -9.20 18.32
C ARG A 97 -7.66 -8.61 18.04
N CYS A 98 -6.60 -9.31 18.41
CA CYS A 98 -5.28 -8.73 18.17
C CYS A 98 -5.02 -8.77 16.70
N ALA A 99 -5.51 -9.81 16.08
CA ALA A 99 -5.27 -9.90 14.67
C ALA A 99 -5.93 -8.63 14.06
N LEU A 100 -7.17 -8.34 14.42
CA LEU A 100 -7.85 -7.16 13.93
C LEU A 100 -7.11 -5.92 14.33
N ALA A 101 -6.76 -5.84 15.60
CA ALA A 101 -6.05 -4.68 16.05
C ALA A 101 -4.81 -4.58 15.15
N VAL A 102 -3.92 -5.55 15.23
CA VAL A 102 -2.74 -5.54 14.41
C VAL A 102 -3.04 -5.20 12.97
N GLY A 103 -4.31 -5.35 12.57
CA GLY A 103 -4.69 -5.07 11.18
C GLY A 103 -4.89 -3.58 10.91
N TRP A 104 -5.64 -2.97 11.81
CA TRP A 104 -5.88 -1.58 11.71
C TRP A 104 -4.59 -0.81 11.84
N CYS A 105 -3.58 -1.49 12.36
CA CYS A 105 -2.26 -0.88 12.50
C CYS A 105 -1.67 -0.61 11.14
N ILE A 106 -1.72 -1.59 10.24
CA ILE A 106 -1.14 -1.27 8.96
C ILE A 106 -2.06 -0.19 8.37
N GLU A 107 -3.32 -0.22 8.71
CA GLU A 107 -4.22 0.77 8.19
C GLU A 107 -3.91 2.16 8.71
N LEU A 108 -3.48 2.29 9.95
CA LEU A 108 -3.13 3.64 10.42
C LEU A 108 -1.71 3.98 9.90
N PHE A 109 -0.93 2.97 9.69
CA PHE A 109 0.38 3.24 9.17
C PHE A 109 0.25 3.93 7.79
N GLN A 110 -0.55 3.33 6.90
CA GLN A 110 -0.73 3.80 5.55
C GLN A 110 -1.36 5.18 5.44
N ALA A 111 -2.26 5.45 6.36
CA ALA A 111 -2.88 6.73 6.43
C ALA A 111 -1.79 7.73 6.82
N ALA A 112 -0.98 7.44 7.83
CA ALA A 112 0.03 8.42 8.16
C ALA A 112 0.79 8.76 6.88
N SER A 113 1.07 7.75 6.06
CA SER A 113 1.78 7.96 4.80
C SER A 113 1.08 9.04 3.92
N LEU A 114 -0.01 8.58 3.28
CA LEU A 114 -0.96 9.32 2.42
C LEU A 114 -1.13 10.76 2.79
N VAL A 115 -1.44 11.03 4.07
CA VAL A 115 -1.54 12.39 4.51
C VAL A 115 -0.28 13.12 4.07
N ALA A 116 0.88 12.74 4.61
CA ALA A 116 2.14 13.37 4.25
C ALA A 116 2.26 13.47 2.75
N ASP A 117 2.06 12.35 2.15
CA ASP A 117 2.30 12.28 0.76
C ASP A 117 1.38 13.25 0.02
N ASP A 118 0.20 13.49 0.52
CA ASP A 118 -0.60 14.40 -0.25
C ASP A 118 -0.02 15.81 -0.25
N ILE A 119 0.65 16.20 0.83
CA ILE A 119 1.19 17.54 0.92
C ILE A 119 2.37 17.76 -0.02
N MET A 120 3.15 16.70 -0.16
CA MET A 120 4.35 16.75 -0.96
C MET A 120 3.97 16.52 -2.39
N ASP A 121 2.71 16.29 -2.69
CA ASP A 121 2.46 16.13 -4.10
C ASP A 121 1.52 17.23 -4.46
N GLN A 122 1.04 17.90 -3.42
CA GLN A 122 0.13 19.02 -3.59
C GLN A 122 -1.03 18.39 -4.33
N SER A 123 -1.55 17.33 -3.79
CA SER A 123 -2.64 16.66 -4.47
C SER A 123 -3.89 17.42 -4.11
N LEU A 124 -5.02 16.99 -4.68
CA LEU A 124 -6.28 17.70 -4.46
C LEU A 124 -7.29 16.78 -3.78
N THR A 125 -7.34 15.57 -4.29
CA THR A 125 -8.32 14.65 -3.81
C THR A 125 -7.80 13.28 -3.40
N ARG A 126 -8.57 12.60 -2.56
CA ARG A 126 -8.20 11.24 -2.19
C ARG A 126 -9.33 10.52 -1.55
N ARG A 127 -9.56 9.29 -2.01
CA ARG A 127 -10.55 8.49 -1.35
C ARG A 127 -11.81 9.30 -1.60
N GLY A 128 -11.83 10.04 -2.70
CA GLY A 128 -13.00 10.86 -2.99
C GLY A 128 -13.30 12.00 -1.99
N GLN A 129 -12.40 12.23 -1.06
CA GLN A 129 -12.58 13.28 -0.10
C GLN A 129 -11.58 14.31 -0.64
N LEU A 130 -11.66 15.50 -0.07
CA LEU A 130 -10.64 16.53 -0.33
C LEU A 130 -9.47 16.20 0.65
N CYS A 131 -8.23 16.24 0.16
CA CYS A 131 -7.07 16.00 1.02
C CYS A 131 -7.15 16.73 2.36
N TRP A 132 -6.77 16.02 3.42
CA TRP A 132 -6.87 16.57 4.74
C TRP A 132 -6.11 17.90 4.76
N TYR A 133 -4.93 17.97 4.16
CA TYR A 133 -4.30 19.27 4.23
C TYR A 133 -5.05 20.46 3.62
N LYS A 134 -5.89 20.18 2.60
CA LYS A 134 -6.70 21.15 1.85
C LYS A 134 -7.87 21.62 2.70
N LYS A 135 -8.26 20.84 3.67
CA LYS A 135 -9.35 21.35 4.49
C LYS A 135 -8.91 22.70 5.14
N GLU A 136 -9.66 23.75 4.89
CA GLU A 136 -9.42 25.08 5.43
C GLU A 136 -9.28 25.03 6.97
N GLY A 137 -8.29 25.73 7.53
CA GLY A 137 -8.11 25.75 8.98
C GLY A 137 -7.01 24.78 9.41
N VAL A 138 -6.85 23.76 8.57
CA VAL A 138 -5.84 22.72 8.69
C VAL A 138 -4.52 23.21 8.02
N GLY A 139 -4.38 22.94 6.75
CA GLY A 139 -3.18 23.39 6.08
C GLY A 139 -1.96 22.52 6.27
N LEU A 140 -0.91 23.11 6.82
CA LEU A 140 0.41 22.53 7.02
C LEU A 140 0.48 21.84 8.36
N ASP A 141 -0.54 22.06 9.18
CA ASP A 141 -0.68 21.37 10.43
C ASP A 141 -0.77 19.89 10.13
N ALA A 142 -1.26 19.51 8.95
CA ALA A 142 -1.41 18.10 8.66
C ALA A 142 -0.04 17.48 8.79
N ILE A 143 1.01 18.29 8.77
CA ILE A 143 2.34 17.72 8.88
C ILE A 143 2.41 16.98 10.22
N ASN A 144 1.95 17.64 11.25
CA ASN A 144 1.99 17.01 12.57
C ASN A 144 0.92 15.96 12.77
N ASP A 145 -0.10 15.94 11.94
CA ASP A 145 -1.19 15.01 12.15
C ASP A 145 -0.76 13.69 11.59
N SER A 146 0.01 13.72 10.51
CA SER A 146 0.43 12.43 10.04
C SER A 146 1.37 11.95 11.13
N PHE A 147 2.05 12.82 11.85
CA PHE A 147 2.93 12.26 12.85
C PHE A 147 2.11 11.51 13.88
N LEU A 148 1.07 12.14 14.41
CA LEU A 148 0.20 11.49 15.39
C LEU A 148 -0.48 10.25 14.92
N LEU A 149 -0.80 10.22 13.64
CA LEU A 149 -1.46 9.03 13.08
C LEU A 149 -0.48 7.90 13.24
N GLU A 150 0.81 8.23 13.04
CA GLU A 150 1.94 7.34 13.11
C GLU A 150 2.09 6.78 14.52
N SER A 151 2.03 7.63 15.51
CA SER A 151 2.24 7.09 16.82
C SER A 151 0.98 6.40 17.30
N SER A 152 -0.10 6.54 16.54
CA SER A 152 -1.28 5.89 17.00
C SER A 152 -1.10 4.42 16.85
N VAL A 153 -0.30 4.08 15.84
CA VAL A 153 0.02 2.72 15.51
C VAL A 153 0.72 1.99 16.67
N TYR A 154 1.60 2.68 17.33
CA TYR A 154 2.34 2.06 18.39
C TYR A 154 1.48 2.13 19.63
N ARG A 155 0.49 3.00 19.64
CA ARG A 155 -0.33 3.01 20.86
C ARG A 155 -1.20 1.77 20.95
N VAL A 156 -1.73 1.41 19.78
CA VAL A 156 -2.63 0.27 19.64
C VAL A 156 -1.94 -1.08 19.91
N LEU A 157 -0.67 -1.20 19.53
CA LEU A 157 0.11 -2.43 19.76
C LEU A 157 0.39 -2.50 21.26
N LYS A 158 0.78 -1.38 21.87
CA LYS A 158 1.11 -1.45 23.27
C LYS A 158 -0.15 -1.91 23.99
N LYS A 159 -1.27 -1.47 23.47
CA LYS A 159 -2.56 -1.79 24.07
C LYS A 159 -3.04 -3.23 23.87
N TYR A 160 -2.75 -3.79 22.71
CA TYR A 160 -3.22 -5.15 22.41
C TYR A 160 -2.21 -6.29 22.58
N CYS A 161 -0.94 -5.98 22.29
CA CYS A 161 0.16 -6.92 22.23
C CYS A 161 1.23 -6.80 23.29
N ARG A 162 1.11 -5.83 24.17
CA ARG A 162 2.15 -5.60 25.15
C ARG A 162 2.71 -6.76 25.97
N GLN A 163 1.84 -7.70 26.34
CA GLN A 163 2.18 -8.86 27.13
C GLN A 163 2.00 -10.03 26.22
N ARG A 164 2.84 -10.18 25.22
CA ARG A 164 2.66 -11.28 24.28
C ARG A 164 4.07 -11.57 23.87
N PRO A 165 4.41 -12.82 23.68
CA PRO A 165 5.81 -13.14 23.36
C PRO A 165 6.34 -12.40 22.14
N TYR A 166 5.47 -11.99 21.24
CA TYR A 166 5.95 -11.38 20.02
C TYR A 166 5.91 -9.88 19.98
N TYR A 167 5.67 -9.25 21.11
CA TYR A 167 5.62 -7.81 21.11
C TYR A 167 6.84 -7.11 20.51
N VAL A 168 8.06 -7.39 20.98
CA VAL A 168 9.19 -6.69 20.39
C VAL A 168 9.38 -6.87 18.90
N HIS A 169 9.00 -8.04 18.42
CA HIS A 169 9.16 -8.32 17.01
C HIS A 169 8.27 -7.42 16.18
N LEU A 170 7.00 -7.31 16.59
CA LEU A 170 5.97 -6.47 15.95
C LEU A 170 6.54 -5.05 16.00
N LEU A 171 6.79 -4.49 17.18
CA LEU A 171 7.44 -3.18 17.28
C LEU A 171 8.63 -3.02 16.30
N GLU A 172 9.51 -3.99 16.24
CA GLU A 172 10.65 -3.89 15.35
C GLU A 172 10.19 -4.00 13.90
N LEU A 173 9.24 -4.88 13.68
CA LEU A 173 8.65 -5.06 12.36
C LEU A 173 8.12 -3.72 11.77
N PHE A 174 7.14 -3.10 12.40
CA PHE A 174 6.55 -1.81 12.03
C PHE A 174 7.54 -0.68 11.86
N LEU A 175 8.45 -0.58 12.81
CA LEU A 175 9.43 0.51 12.78
C LEU A 175 10.35 0.36 11.52
N GLN A 176 10.78 -0.86 11.27
CA GLN A 176 11.71 -1.10 10.21
C GLN A 176 11.09 -0.84 8.88
N THR A 177 9.85 -1.28 8.76
CA THR A 177 9.22 -1.03 7.48
C THR A 177 8.96 0.46 7.29
N ALA A 178 8.63 1.18 8.37
CA ALA A 178 8.44 2.62 8.29
C ALA A 178 9.70 3.18 7.66
N TYR A 179 10.84 2.67 8.06
CA TYR A 179 12.01 3.26 7.49
C TYR A 179 12.13 2.92 6.04
N GLN A 180 11.99 1.64 5.74
CA GLN A 180 12.22 1.18 4.38
C GLN A 180 11.37 1.97 3.44
N THR A 181 10.09 2.11 3.77
CA THR A 181 9.19 2.85 2.88
C THR A 181 9.51 4.35 2.70
N GLU A 182 9.95 4.97 3.80
CA GLU A 182 10.38 6.34 3.69
C GLU A 182 11.57 6.55 2.67
N LEU A 183 12.40 5.52 2.48
CA LEU A 183 13.45 5.63 1.53
C LEU A 183 12.86 5.47 0.17
N GLY A 184 11.90 4.58 0.00
CA GLY A 184 11.34 4.39 -1.33
C GLY A 184 10.61 5.69 -1.65
N GLN A 185 10.09 6.32 -0.62
CA GLN A 185 9.42 7.54 -0.88
C GLN A 185 10.49 8.52 -1.32
N MET A 186 11.56 8.56 -0.54
CA MET A 186 12.68 9.45 -0.83
C MET A 186 13.13 9.21 -2.26
N LEU A 187 13.27 7.96 -2.68
CA LEU A 187 13.75 7.67 -4.02
C LEU A 187 12.87 8.33 -5.04
N ASP A 188 11.58 8.11 -4.85
CA ASP A 188 10.54 8.61 -5.75
C ASP A 188 10.74 10.13 -5.86
N LEU A 189 10.71 10.77 -4.71
CA LEU A 189 10.77 12.19 -4.68
C LEU A 189 11.94 12.80 -5.43
N ILE A 190 13.00 12.04 -5.59
CA ILE A 190 14.17 12.56 -6.26
C ILE A 190 14.06 12.30 -7.74
N THR A 191 13.59 11.10 -8.06
CA THR A 191 13.45 10.61 -9.41
C THR A 191 12.50 11.46 -10.22
N ALA A 192 11.24 11.47 -9.81
CA ALA A 192 10.21 12.21 -10.48
C ALA A 192 9.76 13.40 -9.66
N PRO A 193 10.56 14.47 -9.70
CA PRO A 193 10.23 15.71 -8.99
C PRO A 193 8.97 16.40 -9.61
N VAL A 194 7.91 16.52 -8.80
CA VAL A 194 6.58 17.05 -9.21
C VAL A 194 6.44 18.53 -9.69
N SER A 195 7.55 19.09 -10.17
CA SER A 195 7.61 20.46 -10.72
C SER A 195 8.71 20.55 -11.75
N LYS A 196 8.83 19.48 -12.54
CA LYS A 196 9.87 19.42 -13.54
C LYS A 196 9.87 18.00 -14.10
N VAL A 197 9.81 17.94 -15.43
CA VAL A 197 9.78 16.69 -16.23
C VAL A 197 10.95 15.62 -16.22
N ASP A 198 12.13 15.99 -16.72
CA ASP A 198 13.31 15.10 -16.81
C ASP A 198 13.09 13.58 -16.68
N LEU A 199 13.11 12.90 -17.85
CA LEU A 199 12.88 11.43 -17.99
C LEU A 199 14.17 10.62 -17.98
N SER A 200 15.24 11.33 -17.65
CA SER A 200 16.59 10.76 -17.61
C SER A 200 16.57 9.69 -16.56
N HIS A 201 16.09 10.12 -15.40
CA HIS A 201 16.03 9.29 -14.23
C HIS A 201 14.94 8.23 -14.24
N PHE A 202 14.29 7.97 -15.37
CA PHE A 202 13.28 6.95 -15.26
C PHE A 202 13.76 5.55 -15.66
N SER A 203 14.66 4.90 -14.89
CA SER A 203 15.16 3.55 -15.22
C SER A 203 14.26 2.43 -14.71
N GLU A 204 14.44 1.22 -15.25
CA GLU A 204 13.67 0.06 -14.81
C GLU A 204 14.10 -0.37 -13.41
N GLU A 205 15.40 -0.29 -13.16
CA GLU A 205 15.94 -0.68 -11.87
C GLU A 205 15.44 0.32 -10.85
N ARG A 206 15.36 1.56 -11.29
CA ARG A 206 14.91 2.56 -10.38
C ARG A 206 13.39 2.36 -10.14
N TYR A 207 12.63 2.14 -11.18
CA TYR A 207 11.21 1.92 -10.96
C TYR A 207 11.09 0.69 -10.04
N LYS A 208 11.70 -0.43 -10.41
CA LYS A 208 11.59 -1.63 -9.57
C LYS A 208 12.05 -1.29 -8.18
N ALA A 209 12.92 -0.30 -8.07
CA ALA A 209 13.36 0.01 -6.74
C ALA A 209 12.44 0.97 -6.03
N ILE A 210 11.77 1.80 -6.81
CA ILE A 210 10.86 2.69 -6.13
C ILE A 210 9.75 1.78 -5.65
N VAL A 211 9.40 0.81 -6.45
CA VAL A 211 8.32 -0.05 -6.06
C VAL A 211 8.69 -1.00 -4.92
N LYS A 212 9.94 -1.42 -4.85
CA LYS A 212 10.22 -2.36 -3.79
C LYS A 212 10.06 -1.72 -2.45
N TYR A 213 10.54 -0.49 -2.30
CA TYR A 213 10.46 0.18 -1.02
C TYR A 213 9.25 1.01 -0.64
N LYS A 214 8.59 1.69 -1.59
CA LYS A 214 7.46 2.56 -1.25
C LYS A 214 6.13 1.85 -1.03
N THR A 215 6.01 0.59 -1.38
CA THR A 215 4.73 -0.06 -1.17
C THR A 215 4.74 -1.56 -0.93
N ALA A 216 5.69 -2.21 -1.58
CA ALA A 216 5.79 -3.66 -1.56
C ALA A 216 5.94 -4.11 -0.13
N PHE A 217 6.97 -3.59 0.50
CA PHE A 217 7.26 -3.95 1.86
C PHE A 217 6.00 -3.72 2.74
N TYR A 218 5.55 -2.50 2.89
CA TYR A 218 4.41 -2.41 3.75
C TYR A 218 3.08 -2.96 3.24
N SER A 219 2.96 -3.24 1.95
CA SER A 219 1.65 -3.69 1.48
C SER A 219 1.49 -5.20 1.42
N PHE A 220 2.59 -5.91 1.18
CA PHE A 220 2.52 -7.36 1.17
C PHE A 220 3.24 -8.04 2.33
N TYR A 221 4.54 -7.87 2.38
CA TYR A 221 5.30 -8.49 3.42
C TYR A 221 4.83 -8.12 4.79
N LEU A 222 4.64 -6.86 5.07
CA LEU A 222 4.29 -6.52 6.43
C LEU A 222 3.10 -7.29 7.01
N PRO A 223 2.00 -7.35 6.28
CA PRO A 223 0.83 -8.04 6.82
C PRO A 223 1.09 -9.49 7.14
N VAL A 224 1.68 -10.23 6.21
CA VAL A 224 1.98 -11.62 6.44
C VAL A 224 3.05 -11.77 7.54
N ALA A 225 4.16 -11.02 7.46
CA ALA A 225 5.17 -11.08 8.48
C ALA A 225 4.58 -10.87 9.85
N ALA A 226 3.54 -10.05 10.01
CA ALA A 226 2.96 -9.84 11.36
C ALA A 226 2.19 -11.07 11.93
N ALA A 227 1.58 -11.80 11.03
CA ALA A 227 0.84 -12.96 11.44
C ALA A 227 1.84 -14.13 11.68
N MET A 228 3.00 -14.07 11.03
CA MET A 228 3.99 -15.13 11.18
C MET A 228 4.53 -15.04 12.57
N TYR A 229 5.06 -13.89 12.94
CA TYR A 229 5.55 -13.72 14.29
C TYR A 229 4.38 -13.94 15.27
N MET A 230 3.15 -13.71 14.86
CA MET A 230 2.19 -13.85 15.94
C MET A 230 1.99 -15.29 16.20
N VAL A 231 2.25 -16.16 15.23
CA VAL A 231 2.07 -17.56 15.59
C VAL A 231 3.40 -18.15 16.05
N GLY A 232 4.44 -17.34 16.13
CA GLY A 232 5.75 -17.77 16.61
C GLY A 232 6.79 -18.06 15.55
N ILE A 233 6.45 -17.82 14.30
CA ILE A 233 7.43 -18.09 13.30
C ILE A 233 8.27 -16.86 13.24
N ASP A 234 9.37 -16.93 13.96
CA ASP A 234 10.27 -15.83 13.91
C ASP A 234 11.55 -16.22 13.18
N SER A 235 11.62 -17.47 12.70
CA SER A 235 12.79 -17.96 11.94
C SER A 235 13.19 -16.94 10.89
N LYS A 236 14.46 -16.55 10.89
CA LYS A 236 14.90 -15.53 9.97
C LYS A 236 14.74 -15.95 8.55
N GLU A 237 15.15 -17.18 8.31
CA GLU A 237 15.07 -17.58 6.96
C GLU A 237 13.67 -17.91 6.56
N GLU A 238 12.74 -17.83 7.50
CA GLU A 238 11.32 -18.03 7.14
C GLU A 238 10.72 -16.66 6.79
N HIS A 239 11.25 -15.63 7.39
CA HIS A 239 10.85 -14.36 6.91
C HIS A 239 11.44 -14.14 5.55
N GLU A 240 12.51 -14.82 5.23
CA GLU A 240 13.03 -14.63 3.90
C GLU A 240 12.25 -15.41 2.86
N ASN A 241 11.76 -16.62 3.17
CA ASN A 241 10.95 -17.35 2.18
C ASN A 241 9.72 -16.50 1.89
N ALA A 242 9.15 -15.91 2.95
CA ALA A 242 7.97 -15.07 2.80
C ALA A 242 8.27 -13.81 1.94
N LYS A 243 9.31 -13.11 2.34
CA LYS A 243 9.71 -11.91 1.67
C LYS A 243 9.86 -12.20 0.20
N ALA A 244 10.37 -13.38 -0.14
CA ALA A 244 10.60 -13.66 -1.54
C ALA A 244 9.37 -13.72 -2.39
N ILE A 245 8.39 -14.44 -1.95
CA ILE A 245 7.29 -14.61 -2.84
C ILE A 245 6.51 -13.28 -2.87
N LEU A 246 6.17 -12.83 -1.68
CA LEU A 246 5.38 -11.66 -1.47
C LEU A 246 5.93 -10.48 -2.23
N LEU A 247 7.21 -10.22 -2.13
CA LEU A 247 7.69 -9.10 -2.94
C LEU A 247 7.43 -9.24 -4.45
N GLU A 248 7.39 -10.44 -5.03
CA GLU A 248 7.09 -10.43 -6.46
C GLU A 248 5.63 -10.07 -6.66
N MET A 249 4.83 -10.45 -5.67
CA MET A 249 3.43 -10.17 -5.74
C MET A 249 3.29 -8.67 -5.77
N GLY A 250 3.90 -8.02 -4.81
CA GLY A 250 3.75 -6.58 -4.69
C GLY A 250 4.22 -5.83 -5.90
N GLU A 251 5.32 -6.29 -6.48
CA GLU A 251 5.82 -5.60 -7.63
C GLU A 251 4.74 -5.69 -8.71
N TYR A 252 4.43 -6.91 -9.12
CA TYR A 252 3.39 -7.16 -10.10
C TYR A 252 2.12 -6.38 -9.74
N PHE A 253 1.79 -6.27 -8.47
CA PHE A 253 0.57 -5.53 -8.17
C PHE A 253 0.69 -4.10 -8.66
N GLN A 254 1.79 -3.44 -8.32
CA GLN A 254 2.07 -2.08 -8.72
C GLN A 254 1.89 -2.03 -10.22
N ILE A 255 2.71 -2.79 -10.92
CA ILE A 255 2.62 -2.86 -12.38
C ILE A 255 1.21 -2.93 -12.98
N GLN A 256 0.34 -3.83 -12.48
CA GLN A 256 -1.05 -3.97 -12.92
C GLN A 256 -1.83 -2.67 -12.65
N ASP A 257 -1.63 -2.03 -11.50
CA ASP A 257 -2.31 -0.75 -11.26
C ASP A 257 -1.88 0.14 -12.40
N ASP A 258 -0.57 0.32 -12.57
CA ASP A 258 -0.05 1.22 -13.59
C ASP A 258 -0.76 0.98 -14.91
N TYR A 259 -0.90 -0.30 -15.26
CA TYR A 259 -1.57 -0.69 -16.50
C TYR A 259 -3.05 -0.31 -16.55
N LEU A 260 -3.76 -0.76 -15.55
CA LEU A 260 -5.19 -0.50 -15.41
C LEU A 260 -5.33 1.03 -15.34
N ASP A 261 -4.25 1.73 -15.02
CA ASP A 261 -4.40 3.18 -14.94
C ASP A 261 -4.84 3.88 -16.25
N CYS A 262 -4.25 3.49 -17.36
CA CYS A 262 -4.58 4.20 -18.56
C CYS A 262 -5.28 3.29 -19.49
N PHE A 263 -4.80 2.07 -19.56
CA PHE A 263 -5.37 1.17 -20.53
C PHE A 263 -6.56 0.41 -20.05
N GLY A 264 -7.12 0.88 -18.95
CA GLY A 264 -8.24 0.15 -18.37
C GLY A 264 -9.50 0.94 -18.11
N ASP A 265 -10.60 0.19 -17.90
CA ASP A 265 -11.89 0.75 -17.53
C ASP A 265 -13.03 -0.07 -17.02
N PRO A 266 -13.43 -1.08 -17.79
CA PRO A 266 -14.57 -1.96 -17.45
C PRO A 266 -14.79 -2.55 -16.03
N ALA A 267 -15.53 -1.80 -15.22
CA ALA A 267 -15.81 -2.12 -13.84
C ALA A 267 -14.81 -1.49 -12.86
N LEU A 268 -13.74 -0.95 -13.44
CA LEU A 268 -12.71 -0.19 -12.74
C LEU A 268 -13.07 0.37 -11.36
N THR A 269 -12.33 -0.16 -10.35
CA THR A 269 -12.40 0.10 -8.88
C THR A 269 -12.78 1.52 -8.41
N GLY A 270 -13.99 1.91 -8.82
CA GLY A 270 -14.45 3.25 -8.61
C GLY A 270 -13.77 4.13 -9.66
N ALA A 271 -13.35 5.32 -9.22
CA ALA A 271 -12.65 6.28 -10.08
C ALA A 271 -11.68 5.66 -11.10
N VAL A 272 -12.13 5.66 -12.35
CA VAL A 272 -11.25 5.25 -13.41
C VAL A 272 -10.81 6.54 -14.13
N GLY A 273 -10.28 7.50 -13.35
CA GLY A 273 -9.81 8.78 -13.90
C GLY A 273 -8.35 8.56 -14.29
N THR A 274 -7.48 9.45 -13.81
CA THR A 274 -6.05 9.38 -14.13
C THR A 274 -4.96 10.30 -13.51
N ASP A 275 -3.78 10.14 -14.08
CA ASP A 275 -2.60 10.94 -13.81
C ASP A 275 -1.39 10.39 -14.52
N ILE A 276 -0.73 11.35 -15.14
CA ILE A 276 0.49 11.26 -15.92
C ILE A 276 0.66 12.75 -16.33
N GLN A 277 -0.24 13.61 -15.81
CA GLN A 277 -0.19 15.06 -15.85
C GLN A 277 0.85 15.38 -14.78
N ASP A 278 0.81 14.57 -13.71
CA ASP A 278 1.82 14.65 -12.66
C ASP A 278 2.72 13.59 -13.26
N ASN A 279 3.91 14.08 -13.59
CA ASN A 279 4.99 13.39 -14.26
C ASN A 279 5.27 12.16 -13.43
N LYS A 280 4.31 11.23 -13.40
CA LYS A 280 4.41 10.02 -12.60
C LYS A 280 5.19 8.79 -13.14
N CYS A 281 6.41 8.58 -12.63
CA CYS A 281 7.25 7.45 -13.05
C CYS A 281 6.56 6.08 -12.97
N SER A 282 5.98 5.59 -14.07
CA SER A 282 5.28 4.33 -14.04
C SER A 282 5.90 3.30 -14.94
N TRP A 283 5.58 2.03 -14.71
CA TRP A 283 6.11 0.94 -15.52
C TRP A 283 5.87 1.10 -17.02
N LEU A 284 4.69 1.64 -17.35
CA LEU A 284 4.33 1.94 -18.74
C LEU A 284 5.38 2.93 -19.32
N VAL A 285 5.50 4.08 -18.67
CA VAL A 285 6.49 5.06 -19.09
C VAL A 285 7.84 4.36 -19.29
N VAL A 286 8.38 3.69 -18.27
CA VAL A 286 9.69 3.03 -18.35
C VAL A 286 9.79 2.04 -19.51
N GLN A 287 8.72 1.29 -19.70
CA GLN A 287 8.57 0.34 -20.78
C GLN A 287 8.54 1.05 -22.15
N CYS A 288 8.01 2.27 -22.20
CA CYS A 288 8.06 3.05 -23.44
C CYS A 288 9.56 3.32 -23.76
N LEU A 289 10.24 4.09 -22.90
CA LEU A 289 11.65 4.47 -23.02
C LEU A 289 12.54 3.36 -23.47
N GLN A 290 12.09 2.13 -23.36
CA GLN A 290 12.96 1.09 -23.83
C GLN A 290 12.65 0.77 -25.27
N ARG A 291 11.39 0.81 -25.66
CA ARG A 291 11.01 0.56 -27.05
C ARG A 291 11.01 1.90 -27.84
N VAL A 292 11.99 2.77 -27.57
CA VAL A 292 11.96 4.08 -28.22
C VAL A 292 12.94 4.39 -29.33
N THR A 293 12.76 5.63 -29.79
CA THR A 293 13.58 6.28 -30.79
C THR A 293 13.80 7.64 -30.13
N PRO A 294 14.95 8.25 -30.42
CA PRO A 294 15.30 9.57 -29.91
C PRO A 294 14.18 10.54 -30.26
N GLU A 295 13.55 10.26 -31.40
CA GLU A 295 12.51 11.15 -31.83
C GLU A 295 11.40 10.98 -30.85
N GLN A 296 10.81 9.79 -30.83
CA GLN A 296 9.67 9.49 -29.93
C GLN A 296 9.90 9.94 -28.49
N ARG A 297 11.12 9.70 -28.02
CA ARG A 297 11.54 10.13 -26.70
C ARG A 297 11.23 11.64 -26.60
N GLN A 298 11.48 12.36 -27.68
CA GLN A 298 11.23 13.79 -27.72
C GLN A 298 9.74 14.06 -27.73
N LEU A 299 8.98 13.14 -28.31
CA LEU A 299 7.52 13.27 -28.37
C LEU A 299 7.15 13.47 -26.91
N LEU A 300 7.57 12.48 -26.12
CA LEU A 300 7.39 12.49 -24.69
C LEU A 300 8.04 13.69 -24.04
N GLU A 301 9.33 13.52 -23.79
CA GLU A 301 10.17 14.48 -23.09
C GLU A 301 9.50 15.83 -22.90
N ASP A 302 8.94 16.33 -24.00
CA ASP A 302 8.24 17.60 -23.95
C ASP A 302 6.88 17.50 -23.27
N ASN A 303 5.94 16.87 -23.96
CA ASN A 303 4.59 16.71 -23.46
C ASN A 303 4.40 16.07 -22.05
N TYR A 304 4.71 14.77 -21.93
CA TYR A 304 4.55 14.00 -20.71
C TYR A 304 4.77 14.76 -19.40
N GLY A 305 3.72 14.74 -18.58
CA GLY A 305 3.75 15.37 -17.27
C GLY A 305 2.88 16.58 -17.44
N ARG A 306 2.07 16.55 -18.48
CA ARG A 306 1.24 17.71 -18.74
C ARG A 306 -0.22 17.53 -18.45
N LYS A 307 -0.88 18.59 -17.99
CA LYS A 307 -2.35 18.56 -17.79
C LYS A 307 -3.10 19.18 -19.02
N GLU A 308 -2.58 18.91 -20.22
CA GLU A 308 -3.08 19.34 -21.55
C GLU A 308 -3.85 18.19 -22.26
N PRO A 309 -5.18 18.24 -22.24
CA PRO A 309 -6.04 17.19 -22.81
C PRO A 309 -5.45 16.47 -24.00
N GLU A 310 -5.14 17.29 -24.99
CA GLU A 310 -4.58 16.86 -26.27
C GLU A 310 -3.23 16.17 -26.06
N LYS A 311 -2.33 16.84 -25.35
CA LYS A 311 -0.99 16.28 -25.13
C LYS A 311 -1.07 14.81 -24.66
N VAL A 312 -1.76 14.62 -23.53
CA VAL A 312 -2.02 13.33 -22.92
C VAL A 312 -2.41 12.31 -23.95
N ALA A 313 -3.51 12.60 -24.62
CA ALA A 313 -4.00 11.72 -25.67
C ALA A 313 -2.79 11.26 -26.48
N LYS A 314 -2.05 12.20 -27.06
CA LYS A 314 -0.89 11.87 -27.86
C LYS A 314 0.06 10.90 -27.17
N VAL A 315 0.32 11.19 -25.91
CA VAL A 315 1.17 10.30 -25.11
C VAL A 315 0.70 8.83 -25.19
N LYS A 316 -0.58 8.63 -25.05
CA LYS A 316 -1.05 7.27 -25.10
C LYS A 316 -1.01 6.78 -26.54
N GLU A 317 -1.07 7.68 -27.54
CA GLU A 317 -0.97 7.25 -28.95
C GLU A 317 0.33 6.49 -28.93
N LEU A 318 1.31 7.21 -28.40
CA LEU A 318 2.65 6.72 -28.27
C LEU A 318 2.67 5.33 -27.66
N TYR A 319 2.04 5.16 -26.49
CA TYR A 319 2.08 3.83 -25.85
C TYR A 319 1.44 2.72 -26.71
N GLU A 320 0.33 3.07 -27.35
CA GLU A 320 -0.40 2.18 -28.26
C GLU A 320 0.47 2.12 -29.52
N ALA A 321 1.02 3.30 -29.85
CA ALA A 321 1.92 3.49 -30.98
C ALA A 321 2.97 2.38 -30.87
N VAL A 322 3.57 2.25 -29.69
CA VAL A 322 4.56 1.18 -29.43
C VAL A 322 3.95 -0.18 -28.99
N GLY A 323 2.66 -0.21 -28.71
CA GLY A 323 1.95 -1.41 -28.28
C GLY A 323 2.34 -1.90 -26.88
N MET A 324 1.93 -1.19 -25.82
CA MET A 324 2.25 -1.61 -24.46
C MET A 324 1.16 -2.55 -24.09
N ARG A 325 0.07 -2.45 -24.84
CA ARG A 325 -1.09 -3.30 -24.59
C ARG A 325 -0.55 -4.72 -24.64
N ALA A 326 0.30 -4.98 -25.62
CA ALA A 326 0.82 -6.33 -25.71
C ALA A 326 1.74 -6.71 -24.54
N ALA A 327 2.75 -5.89 -24.34
CA ALA A 327 3.75 -6.10 -23.30
C ALA A 327 3.13 -6.36 -21.93
N PHE A 328 1.98 -5.76 -21.65
CA PHE A 328 1.45 -5.99 -20.34
C PHE A 328 1.15 -7.49 -20.27
N GLN A 329 0.33 -7.95 -21.22
CA GLN A 329 -0.05 -9.35 -21.25
C GLN A 329 1.21 -10.20 -21.29
N GLN A 330 2.25 -9.72 -21.93
CA GLN A 330 3.48 -10.50 -21.92
C GLN A 330 3.99 -10.68 -20.49
N TYR A 331 4.06 -9.57 -19.75
CA TYR A 331 4.59 -9.56 -18.40
C TYR A 331 3.70 -10.32 -17.45
N GLU A 332 2.40 -10.03 -17.54
CA GLU A 332 1.37 -10.68 -16.75
C GLU A 332 1.62 -12.19 -16.79
N GLU A 333 1.76 -12.72 -18.00
CA GLU A 333 2.00 -14.16 -18.27
C GLU A 333 3.28 -14.75 -17.68
N SER A 334 4.11 -13.89 -17.11
CA SER A 334 5.34 -14.38 -16.59
C SER A 334 5.20 -14.36 -15.08
N SER A 335 4.70 -13.24 -14.59
CA SER A 335 4.52 -13.08 -13.16
C SER A 335 3.78 -14.27 -12.55
N TYR A 336 2.73 -14.75 -13.23
CA TYR A 336 1.99 -15.86 -12.67
C TYR A 336 2.95 -17.02 -12.50
N ARG A 337 3.53 -17.43 -13.62
CA ARG A 337 4.49 -18.54 -13.65
C ARG A 337 5.49 -18.45 -12.48
N ARG A 338 6.39 -17.45 -12.58
CA ARG A 338 7.42 -17.17 -11.56
C ARG A 338 6.80 -17.31 -10.18
N LEU A 339 5.56 -16.94 -10.07
CA LEU A 339 4.94 -17.05 -8.79
C LEU A 339 4.80 -18.52 -8.38
N GLN A 340 4.05 -19.23 -9.22
CA GLN A 340 3.77 -20.61 -8.94
C GLN A 340 5.06 -21.34 -8.62
N GLU A 341 6.17 -20.85 -9.13
CA GLU A 341 7.40 -21.51 -8.76
C GLU A 341 7.84 -21.08 -7.40
N LEU A 342 8.08 -19.78 -7.32
CA LEU A 342 8.49 -19.12 -6.09
C LEU A 342 7.69 -19.63 -4.92
N ILE A 343 6.46 -20.05 -5.19
CA ILE A 343 5.74 -20.64 -4.10
C ILE A 343 6.52 -21.86 -3.73
N GLU A 344 6.69 -22.74 -4.72
CA GLU A 344 7.46 -23.95 -4.52
C GLU A 344 8.78 -23.68 -3.84
N LYS A 345 9.63 -22.88 -4.45
CA LYS A 345 10.93 -22.62 -3.82
C LYS A 345 10.75 -22.10 -2.39
N HIS A 346 9.61 -21.49 -2.10
CA HIS A 346 9.51 -20.89 -0.79
C HIS A 346 8.51 -21.30 0.23
N SER A 347 7.49 -22.05 -0.22
CA SER A 347 6.43 -22.57 0.65
C SER A 347 6.71 -23.94 1.31
N ASN A 348 8.00 -24.16 1.60
CA ASN A 348 8.46 -25.36 2.27
C ASN A 348 7.76 -25.40 3.65
N ARG A 349 8.02 -24.42 4.49
CA ARG A 349 7.42 -24.48 5.79
C ARG A 349 6.03 -23.89 5.99
N LEU A 350 5.69 -22.86 5.23
CA LEU A 350 4.41 -22.20 5.44
C LEU A 350 3.36 -22.57 4.44
N PRO A 351 2.14 -22.58 4.92
CA PRO A 351 0.97 -22.88 4.13
C PRO A 351 0.78 -22.02 2.88
N LYS A 352 0.84 -22.73 1.76
CA LYS A 352 0.65 -22.13 0.47
C LYS A 352 -0.71 -21.45 0.39
N GLU A 353 -1.71 -21.96 1.08
CA GLU A 353 -3.03 -21.39 0.95
C GLU A 353 -2.90 -19.90 1.05
N ILE A 354 -2.02 -19.42 1.93
CA ILE A 354 -1.83 -17.98 2.13
C ILE A 354 -1.53 -17.15 0.87
N PHE A 355 -0.45 -17.57 0.24
CA PHE A 355 0.06 -16.94 -0.94
C PHE A 355 -0.93 -16.99 -2.07
N LEU A 356 -1.65 -18.09 -2.19
CA LEU A 356 -2.68 -18.28 -3.23
C LEU A 356 -3.79 -17.27 -3.04
N GLY A 357 -4.35 -17.35 -1.85
CA GLY A 357 -5.50 -16.55 -1.48
C GLY A 357 -5.14 -15.16 -1.85
N LEU A 358 -4.00 -14.75 -1.32
CA LEU A 358 -3.48 -13.44 -1.52
C LEU A 358 -3.43 -13.19 -2.99
N ALA A 359 -2.84 -14.15 -3.65
CA ALA A 359 -2.66 -14.04 -5.07
C ALA A 359 -3.93 -14.01 -5.90
N GLN A 360 -4.88 -14.88 -5.56
CA GLN A 360 -6.16 -14.98 -6.27
C GLN A 360 -6.87 -13.63 -6.24
N LYS A 361 -6.36 -12.61 -5.59
CA LYS A 361 -7.21 -11.42 -5.61
C LYS A 361 -6.36 -10.28 -6.06
N ILE A 362 -5.24 -10.67 -6.64
CA ILE A 362 -4.28 -9.72 -7.13
C ILE A 362 -4.25 -9.84 -8.63
N TYR A 363 -4.05 -11.05 -9.10
CA TYR A 363 -3.87 -11.30 -10.51
C TYR A 363 -4.92 -11.05 -11.55
N LYS A 364 -6.10 -10.66 -11.05
CA LYS A 364 -7.31 -10.40 -11.82
C LYS A 364 -7.05 -10.28 -13.31
N ARG A 365 -6.22 -9.29 -13.61
CA ARG A 365 -5.85 -8.91 -14.95
C ARG A 365 -7.07 -8.15 -15.41
N GLN A 366 -6.84 -7.29 -16.35
CA GLN A 366 -7.90 -6.52 -16.94
C GLN A 366 -7.23 -6.21 -18.27
N LYS A 367 -7.42 -7.15 -19.19
CA LYS A 367 -6.80 -7.12 -20.51
C LYS A 367 -5.32 -7.55 -20.35
#